data_7YO8
#
_entry.id   7YO8
#
_cell.length_a   45.850
_cell.length_b   45.850
_cell.length_c   152.580
_cell.angle_alpha   90.000
_cell.angle_beta   90.000
_cell.angle_gamma   90.000
#
_symmetry.space_group_name_H-M   'P 43 21 2'
#
loop_
_entity.id
_entity.type
_entity.pdbx_description
1 polymer 'Transmembrane protein 184 homolog C30D11.06c,Gamma-aminobutyric acid receptor-associated protein-like 2'
2 water water
#
_entity_poly.entity_id   1
_entity_poly.type   'polypeptide(L)'
_entity_poly.pdbx_seq_one_letter_code
;MLQFEIDDEMEPLYNQAKQMRYGDYMKSTFKEDHSLEHRCVESAKIRAKYPDRVPVIVEKVSGSQIVDIDKRKYLVPSDI
TVAQFMWIIRKRIQLPSEKAIFLFVDKTVPQSSLTMGQLYEKEKDEDGFLYVAYSGENTFGLEVLFQ
;
_entity_poly.pdbx_strand_id   A
#
# COMPACT_ATOMS: atom_id res chain seq x y z
N MET A 1 21.02 23.01 -21.25
CA MET A 1 21.36 24.39 -21.60
C MET A 1 22.87 24.57 -21.73
N LEU A 2 23.35 25.75 -21.37
CA LEU A 2 24.78 26.04 -21.47
C LEU A 2 25.54 25.45 -20.29
N GLN A 3 25.02 25.60 -19.07
CA GLN A 3 25.65 25.08 -17.88
C GLN A 3 25.12 23.68 -17.56
N PHE A 4 25.72 23.07 -16.55
CA PHE A 4 25.39 21.72 -16.14
C PHE A 4 25.72 21.57 -14.66
N GLU A 5 25.36 20.42 -14.10
CA GLU A 5 25.43 20.19 -12.67
C GLU A 5 24.97 18.78 -12.31
N ILE A 6 25.55 18.21 -11.26
CA ILE A 6 25.09 16.95 -10.68
C ILE A 6 23.67 17.12 -10.17
N ASP A 7 22.68 16.72 -10.97
CA ASP A 7 21.27 17.01 -10.71
C ASP A 7 20.78 16.26 -9.48
N ASP A 8 20.61 17.00 -8.38
CA ASP A 8 20.17 16.39 -7.12
C ASP A 8 18.83 15.68 -7.25
N GLU A 9 18.02 16.05 -8.24
CA GLU A 9 16.77 15.33 -8.45
C GLU A 9 17.03 13.93 -8.98
N MET A 10 18.06 13.78 -9.80
CA MET A 10 18.34 12.49 -10.44
C MET A 10 19.18 11.56 -9.57
N GLU A 11 19.97 12.11 -8.63
CA GLU A 11 20.89 11.27 -7.88
C GLU A 11 20.18 10.16 -7.12
N PRO A 12 19.07 10.39 -6.43
CA PRO A 12 18.36 9.25 -5.82
C PRO A 12 17.92 8.21 -6.83
N LEU A 13 17.55 8.62 -8.04
CA LEU A 13 17.17 7.66 -9.07
C LEU A 13 18.36 6.81 -9.50
N TYR A 14 19.55 7.43 -9.69
CA TYR A 14 20.74 6.64 -9.99
C TYR A 14 21.05 5.66 -8.88
N ASN A 15 20.99 6.12 -7.62
CA ASN A 15 21.33 5.25 -6.50
C ASN A 15 20.36 4.08 -6.38
N GLN A 16 19.08 4.35 -6.61
CA GLN A 16 18.07 3.29 -6.55
C GLN A 16 18.24 2.32 -7.71
N ALA A 17 18.61 2.84 -8.88
CA ALA A 17 18.74 1.99 -10.06
C ALA A 17 19.90 1.01 -9.92
N LYS A 18 20.98 1.41 -9.24
CA LYS A 18 22.12 0.51 -9.07
C LYS A 18 21.80 -0.69 -8.21
N GLN A 19 20.66 -0.68 -7.51
CA GLN A 19 20.25 -1.81 -6.67
C GLN A 19 19.17 -2.63 -7.37
N MET A 20 19.52 -3.15 -8.55
CA MET A 20 18.60 -3.94 -9.36
C MET A 20 19.27 -5.25 -9.75
N ARG A 21 18.49 -6.33 -9.66
CA ARG A 21 18.98 -7.68 -9.97
C ARG A 21 18.65 -8.07 -11.40
N MET A 26 12.84 -5.30 -9.27
CA MET A 26 12.05 -4.07 -9.35
C MET A 26 10.77 -4.18 -8.52
N LYS A 27 10.70 -3.43 -7.44
CA LYS A 27 9.52 -3.40 -6.56
C LYS A 27 8.60 -2.25 -6.94
N SER A 28 8.17 -2.24 -8.21
CA SER A 28 7.28 -1.18 -8.66
C SER A 28 5.89 -1.35 -8.06
N THR A 29 5.23 -0.23 -7.84
CA THR A 29 3.91 -0.23 -7.22
C THR A 29 2.81 -0.58 -8.23
N PHE A 30 1.62 -0.86 -7.69
CA PHE A 30 0.46 -1.13 -8.53
C PHE A 30 0.21 -0.01 -9.52
N LYS A 31 0.27 1.25 -9.05
CA LYS A 31 0.05 2.38 -9.96
C LYS A 31 1.17 2.51 -10.99
N GLU A 32 2.40 2.20 -10.59
CA GLU A 32 3.51 2.25 -11.54
C GLU A 32 3.45 1.14 -12.58
N ASP A 33 2.73 0.06 -12.30
CA ASP A 33 2.64 -1.05 -13.22
C ASP A 33 1.50 -0.93 -14.23
N HIS A 34 0.43 -0.19 -13.89
CA HIS A 34 -0.79 -0.21 -14.69
C HIS A 34 -1.26 1.22 -14.95
N SER A 35 -1.71 1.48 -16.18
CA SER A 35 -2.21 2.81 -16.50
C SER A 35 -3.45 3.12 -15.66
N LEU A 36 -3.75 4.42 -15.56
CA LEU A 36 -4.95 4.84 -14.83
C LEU A 36 -6.21 4.25 -15.48
N GLU A 37 -6.29 4.30 -16.82
CA GLU A 37 -7.44 3.73 -17.52
C GLU A 37 -7.62 2.26 -17.19
N HIS A 38 -6.51 1.49 -17.23
N HIS A 38 -6.53 1.49 -17.21
CA HIS A 38 -6.53 0.08 -16.88
CA HIS A 38 -6.63 0.07 -16.89
C HIS A 38 -7.07 -0.15 -15.47
C HIS A 38 -7.09 -0.17 -15.45
N ARG A 39 -6.57 0.61 -14.51
CA ARG A 39 -7.00 0.44 -13.12
C ARG A 39 -8.49 0.77 -12.95
N CYS A 40 -8.96 1.83 -13.62
CA CYS A 40 -10.37 2.20 -13.55
C CYS A 40 -11.26 1.09 -14.12
N VAL A 41 -10.89 0.56 -15.28
CA VAL A 41 -11.65 -0.53 -15.88
C VAL A 41 -11.70 -1.73 -14.93
N GLU A 42 -10.54 -2.07 -14.35
CA GLU A 42 -10.47 -3.26 -13.50
C GLU A 42 -11.29 -3.11 -12.21
N SER A 43 -11.21 -1.95 -11.56
CA SER A 43 -11.99 -1.79 -10.33
C SER A 43 -13.48 -1.76 -10.61
N ALA A 44 -13.88 -1.15 -11.73
CA ALA A 44 -15.30 -1.22 -12.11
C ALA A 44 -15.75 -2.65 -12.33
N LYS A 45 -14.93 -3.47 -12.99
CA LYS A 45 -15.28 -4.88 -13.18
C LYS A 45 -15.43 -5.59 -11.84
N ILE A 46 -14.48 -5.38 -10.93
CA ILE A 46 -14.53 -6.01 -9.62
C ILE A 46 -15.81 -5.63 -8.89
N ARG A 47 -16.15 -4.34 -8.90
CA ARG A 47 -17.34 -3.89 -8.18
C ARG A 47 -18.61 -4.44 -8.82
N ALA A 48 -18.63 -4.60 -10.13
CA ALA A 48 -19.81 -5.18 -10.77
C ALA A 48 -19.95 -6.66 -10.43
N LYS A 49 -18.85 -7.39 -10.41
CA LYS A 49 -18.89 -8.84 -10.25
C LYS A 49 -19.02 -9.26 -8.79
N TYR A 50 -18.45 -8.47 -7.86
CA TYR A 50 -18.45 -8.80 -6.43
C TYR A 50 -18.93 -7.58 -5.65
N PRO A 51 -20.25 -7.41 -5.52
CA PRO A 51 -20.77 -6.15 -4.95
C PRO A 51 -20.40 -5.94 -3.50
N ASP A 52 -20.06 -7.00 -2.75
CA ASP A 52 -19.76 -6.90 -1.34
C ASP A 52 -18.28 -7.06 -1.04
N ARG A 53 -17.44 -6.86 -2.05
CA ARG A 53 -15.99 -6.90 -1.93
C ARG A 53 -15.42 -5.54 -2.26
N VAL A 54 -14.42 -5.10 -1.52
CA VAL A 54 -13.72 -3.85 -1.80
C VAL A 54 -12.32 -4.21 -2.31
N PRO A 55 -11.92 -3.68 -3.46
CA PRO A 55 -10.58 -3.96 -4.01
C PRO A 55 -9.56 -3.08 -3.31
N VAL A 56 -8.56 -3.71 -2.70
CA VAL A 56 -7.58 -3.04 -1.85
C VAL A 56 -6.20 -3.39 -2.35
N ILE A 57 -5.33 -2.38 -2.44
CA ILE A 57 -3.91 -2.59 -2.76
C ILE A 57 -3.12 -2.32 -1.48
N VAL A 58 -2.33 -3.30 -1.04
CA VAL A 58 -1.53 -3.20 0.18
C VAL A 58 -0.06 -3.11 -0.21
N GLU A 59 0.62 -2.07 0.28
CA GLU A 59 2.01 -1.85 -0.05
C GLU A 59 2.74 -1.35 1.18
N LYS A 60 3.97 -1.84 1.37
CA LYS A 60 4.78 -1.40 2.48
C LYS A 60 5.13 0.07 2.33
N VAL A 61 5.15 0.82 3.44
CA VAL A 61 5.63 2.20 3.36
C VAL A 61 7.06 2.20 2.84
N SER A 62 7.32 3.02 1.82
CA SER A 62 8.63 3.03 1.20
C SER A 62 9.72 3.29 2.23
N GLY A 63 10.75 2.44 2.22
CA GLY A 63 11.86 2.59 3.13
C GLY A 63 11.68 1.96 4.50
N SER A 64 10.50 1.41 4.80
CA SER A 64 10.30 0.79 6.10
C SER A 64 11.12 -0.49 6.22
N GLN A 65 11.59 -0.77 7.43
CA GLN A 65 12.43 -1.94 7.65
C GLN A 65 11.62 -3.23 7.81
N ILE A 66 10.29 -3.14 7.83
CA ILE A 66 9.48 -4.34 7.98
C ILE A 66 9.54 -5.18 6.70
N VAL A 67 9.26 -6.48 6.85
CA VAL A 67 9.31 -7.38 5.70
C VAL A 67 8.24 -6.99 4.68
N ASP A 68 8.55 -7.23 3.41
CA ASP A 68 7.61 -6.96 2.34
C ASP A 68 6.55 -8.07 2.30
N ILE A 69 5.42 -7.78 1.65
CA ILE A 69 4.30 -8.70 1.62
C ILE A 69 4.25 -9.39 0.26
N ASP A 70 3.85 -10.66 0.24
CA ASP A 70 3.97 -11.44 -1.00
C ASP A 70 2.83 -11.18 -1.97
N LYS A 71 1.75 -10.57 -1.50
CA LYS A 71 0.54 -10.39 -2.27
C LYS A 71 0.07 -8.96 -2.02
N ARG A 72 -0.25 -8.22 -3.09
CA ARG A 72 -0.64 -6.83 -2.90
C ARG A 72 -2.10 -6.53 -3.22
N LYS A 73 -2.77 -7.35 -4.03
CA LYS A 73 -4.14 -7.08 -4.42
C LYS A 73 -5.08 -8.01 -3.65
N TYR A 74 -6.08 -7.43 -2.98
CA TYR A 74 -7.01 -8.14 -2.11
C TYR A 74 -8.43 -7.75 -2.47
N LEU A 75 -9.33 -8.73 -2.51
CA LEU A 75 -10.76 -8.46 -2.67
C LEU A 75 -11.39 -8.76 -1.31
N VAL A 76 -11.61 -7.72 -0.52
CA VAL A 76 -11.87 -7.85 0.91
C VAL A 76 -13.37 -7.76 1.17
N PRO A 77 -13.94 -8.67 1.94
CA PRO A 77 -15.35 -8.51 2.35
C PRO A 77 -15.57 -7.16 3.00
N SER A 78 -16.66 -6.49 2.62
CA SER A 78 -16.82 -5.11 3.04
C SER A 78 -17.07 -4.98 4.53
N ASP A 79 -17.54 -6.03 5.20
CA ASP A 79 -17.81 -5.93 6.64
C ASP A 79 -16.59 -6.24 7.50
N ILE A 80 -15.47 -6.61 6.90
CA ILE A 80 -14.20 -6.74 7.61
C ILE A 80 -13.81 -5.37 8.20
N THR A 81 -13.43 -5.35 9.47
CA THR A 81 -13.02 -4.08 10.08
C THR A 81 -11.55 -3.80 9.81
N VAL A 82 -11.16 -2.54 10.03
CA VAL A 82 -9.75 -2.16 9.90
C VAL A 82 -8.87 -3.03 10.81
N ALA A 83 -9.29 -3.22 12.06
CA ALA A 83 -8.52 -4.08 12.97
C ALA A 83 -8.38 -5.49 12.43
N GLN A 84 -9.47 -6.04 11.87
CA GLN A 84 -9.44 -7.40 11.34
C GLN A 84 -8.53 -7.48 10.12
N PHE A 85 -8.58 -6.48 9.26
CA PHE A 85 -7.70 -6.49 8.10
C PHE A 85 -6.24 -6.31 8.50
N MET A 86 -5.98 -5.53 9.55
CA MET A 86 -4.64 -5.43 10.08
C MET A 86 -4.15 -6.79 10.57
N TRP A 87 -5.02 -7.54 11.23
CA TRP A 87 -4.66 -8.89 11.65
C TRP A 87 -4.35 -9.78 10.45
N ILE A 88 -5.14 -9.65 9.39
CA ILE A 88 -4.91 -10.44 8.17
C ILE A 88 -3.52 -10.14 7.58
N ILE A 89 -3.18 -8.85 7.51
CA ILE A 89 -1.88 -8.47 6.95
C ILE A 89 -0.75 -9.00 7.85
N ARG A 90 -0.91 -8.81 9.16
CA ARG A 90 0.05 -9.35 10.12
C ARG A 90 0.26 -10.85 9.93
N LYS A 91 -0.81 -11.61 9.71
CA LYS A 91 -0.67 -13.04 9.44
C LYS A 91 0.05 -13.28 8.13
N ARG A 92 -0.26 -12.49 7.10
CA ARG A 92 0.34 -12.68 5.78
C ARG A 92 1.86 -12.46 5.81
N ILE A 93 2.32 -11.46 6.57
CA ILE A 93 3.76 -11.21 6.66
C ILE A 93 4.40 -11.89 7.86
N GLN A 94 3.61 -12.59 8.70
CA GLN A 94 4.11 -13.37 9.83
C GLN A 94 4.87 -12.50 10.82
N LEU A 95 4.32 -11.32 11.08
CA LEU A 95 4.89 -10.42 12.07
C LEU A 95 4.45 -10.83 13.46
N PRO A 96 5.38 -11.16 14.37
CA PRO A 96 4.98 -11.57 15.72
C PRO A 96 4.15 -10.51 16.42
N SER A 97 3.20 -10.97 17.24
CA SER A 97 2.26 -10.08 17.91
C SER A 97 2.96 -9.02 18.75
N GLU A 98 4.13 -9.35 19.31
CA GLU A 98 4.85 -8.40 20.16
C GLU A 98 5.35 -7.19 19.39
N LYS A 99 5.41 -7.25 18.07
CA LYS A 99 5.86 -6.13 17.25
C LYS A 99 4.66 -5.38 16.70
N ALA A 100 4.70 -4.05 16.80
CA ALA A 100 3.57 -3.23 16.35
C ALA A 100 3.47 -3.18 14.82
N ILE A 101 2.25 -3.05 14.33
CA ILE A 101 2.01 -2.83 12.90
C ILE A 101 1.06 -1.65 12.79
N PHE A 102 1.19 -0.89 11.70
CA PHE A 102 0.37 0.28 11.44
C PHE A 102 -0.12 0.24 10.00
N LEU A 103 -1.39 0.55 9.83
CA LEU A 103 -1.99 0.75 8.52
C LEU A 103 -2.22 2.24 8.30
N PHE A 104 -2.04 2.67 7.06
CA PHE A 104 -2.19 4.07 6.69
C PHE A 104 -3.07 4.16 5.47
N VAL A 105 -4.00 5.10 5.50
CA VAL A 105 -4.82 5.49 4.37
C VAL A 105 -4.69 7.00 4.27
N ASP A 106 -4.28 7.51 3.12
N ASP A 106 -4.28 7.50 3.11
CA ASP A 106 -4.05 8.94 2.94
CA ASP A 106 -4.02 8.94 2.91
C ASP A 106 -3.10 9.49 4.01
C ASP A 106 -3.10 9.48 4.00
N LYS A 107 -2.07 8.71 4.33
CA LYS A 107 -1.01 9.09 5.26
C LYS A 107 -1.52 9.25 6.69
N THR A 108 -2.65 8.66 7.04
CA THR A 108 -3.14 8.69 8.42
C THR A 108 -3.55 7.29 8.82
N VAL A 109 -3.71 7.05 10.12
CA VAL A 109 -4.05 5.73 10.64
C VAL A 109 -5.56 5.65 10.75
N PRO A 110 -6.22 4.78 9.97
CA PRO A 110 -7.69 4.71 10.02
C PRO A 110 -8.15 4.13 11.34
N GLN A 111 -9.26 4.66 11.87
CA GLN A 111 -9.83 4.14 13.11
C GLN A 111 -10.14 2.65 12.97
N SER A 112 -9.76 1.89 13.99
CA SER A 112 -9.71 0.43 13.86
C SER A 112 -11.09 -0.21 13.78
N SER A 113 -12.15 0.47 14.20
CA SER A 113 -13.47 -0.15 14.15
C SER A 113 -14.25 0.18 12.88
N LEU A 114 -13.69 1.00 11.99
CA LEU A 114 -14.32 1.23 10.69
C LEU A 114 -14.29 -0.05 9.86
N THR A 115 -15.33 -0.25 9.06
CA THR A 115 -15.30 -1.36 8.12
C THR A 115 -14.56 -0.96 6.85
N MET A 116 -14.05 -1.96 6.15
CA MET A 116 -13.39 -1.69 4.90
C MET A 116 -14.37 -1.11 3.88
N GLY A 117 -15.66 -1.47 3.99
CA GLY A 117 -16.64 -0.86 3.10
C GLY A 117 -16.81 0.64 3.34
N GLN A 118 -16.86 1.05 4.61
CA GLN A 118 -16.93 2.47 4.93
C GLN A 118 -15.73 3.20 4.38
N LEU A 119 -14.54 2.67 4.71
CA LEU A 119 -13.30 3.29 4.30
C LEU A 119 -13.20 3.35 2.79
N TYR A 120 -13.70 2.32 2.11
CA TYR A 120 -13.68 2.31 0.65
C TYR A 120 -14.56 3.40 0.09
N GLU A 121 -15.79 3.50 0.58
CA GLU A 121 -16.68 4.49 -0.03
C GLU A 121 -16.16 5.90 0.21
N LYS A 122 -15.49 6.14 1.33
CA LYS A 122 -15.03 7.51 1.58
C LYS A 122 -13.66 7.80 0.99
N GLU A 123 -12.73 6.85 1.03
CA GLU A 123 -11.32 7.08 0.75
C GLU A 123 -10.80 6.35 -0.48
N LYS A 124 -11.65 5.72 -1.28
CA LYS A 124 -11.13 5.09 -2.49
C LYS A 124 -10.43 6.12 -3.37
N ASP A 125 -9.42 5.65 -4.09
CA ASP A 125 -8.71 6.41 -5.10
C ASP A 125 -9.63 6.76 -6.26
N GLU A 126 -9.25 7.78 -7.03
CA GLU A 126 -9.92 8.07 -8.30
C GLU A 126 -9.97 6.85 -9.21
N ASP A 127 -9.07 5.88 -9.03
CA ASP A 127 -9.05 4.72 -9.91
C ASP A 127 -9.92 3.58 -9.41
N GLY A 128 -10.60 3.77 -8.28
CA GLY A 128 -11.55 2.80 -7.76
C GLY A 128 -10.96 1.75 -6.82
N PHE A 129 -9.68 1.82 -6.51
CA PHE A 129 -9.07 0.95 -5.51
C PHE A 129 -8.88 1.73 -4.22
N LEU A 130 -8.88 1.02 -3.10
CA LEU A 130 -8.48 1.58 -1.82
C LEU A 130 -7.02 1.23 -1.58
N TYR A 131 -6.18 2.23 -1.38
CA TYR A 131 -4.75 2.03 -1.18
C TYR A 131 -4.45 2.06 0.31
N VAL A 132 -3.85 0.98 0.81
CA VAL A 132 -3.52 0.82 2.23
C VAL A 132 -2.02 0.55 2.32
N ALA A 133 -1.33 1.38 3.09
CA ALA A 133 0.08 1.18 3.33
C ALA A 133 0.26 0.56 4.71
N TYR A 134 1.36 -0.14 4.92
CA TYR A 134 1.61 -0.68 6.24
C TYR A 134 3.07 -0.51 6.59
N SER A 135 3.34 -0.46 7.89
CA SER A 135 4.71 -0.42 8.36
C SER A 135 4.73 -0.96 9.77
N GLY A 136 5.94 -1.19 10.28
CA GLY A 136 6.15 -1.40 11.69
C GLY A 136 6.78 -0.19 12.34
N GLU A 137 7.36 -0.40 13.51
CA GLU A 137 8.12 0.66 14.16
C GLU A 137 9.51 0.81 13.56
N ASN A 138 10.02 2.05 13.58
CA ASN A 138 11.33 2.39 13.03
C ASN A 138 12.36 2.36 14.15
N THR A 139 13.39 1.53 14.02
CA THR A 139 14.49 1.54 14.98
C THR A 139 15.61 2.49 14.58
N PHE A 140 15.55 3.09 13.38
CA PHE A 140 16.59 4.00 12.90
C PHE A 140 17.97 3.36 12.97
N GLY A 141 18.00 2.04 12.80
CA GLY A 141 19.25 1.29 12.90
C GLY A 141 19.88 1.30 14.27
N LEU A 142 19.14 1.67 15.32
CA LEU A 142 19.73 1.78 16.65
C LEU A 142 19.54 0.47 17.43
N GLU A 143 20.25 0.40 18.57
CA GLU A 143 20.27 -0.81 19.40
C GLU A 143 19.00 -0.88 20.24
N VAL A 144 18.13 -1.83 19.93
CA VAL A 144 16.84 -1.95 20.58
C VAL A 144 16.88 -2.98 21.71
#